data_3L2P
#
_entry.id   3L2P
#
_cell.length_a   130.149
_cell.length_b   130.149
_cell.length_c   150.431
_cell.angle_alpha   90.00
_cell.angle_beta   90.00
_cell.angle_gamma   90.00
#
_symmetry.space_group_name_H-M   'P 41 21 2'
#
loop_
_entity.id
_entity.type
_entity.pdbx_description
1 polymer 'DNA ligase 3'
2 polymer "5'-D(P*CP*GP*GP*GP*AP*TP*GP*CP*GP*TP*C)-3'"
3 polymer "5'-D(*GP*TP*CP*GP*GP*AP*CP*TP*G)-3'"
4 polymer "5'-D(*GP*CP*CP*AP*GP*TP*CP*CP*GP*AP*CP*GP*AP*CP*GP*CP*AP*TP*CP*CP*CP*G)-3'"
5 non-polymer 'ADENOSINE MONOPHOSPHATE'
#
loop_
_entity_poly.entity_id
_entity_poly.type
_entity_poly.pdbx_seq_one_letter_code
_entity_poly.pdbx_strand_id
1 'polypeptide(L)'
;HMRHKDCLLREFRKLCAMVADNPSYNTKTQIIQDFLRKGSAGDGFHGDVYLTVKLLLPGVIKTVYNLNDKQIVKLFSRIF
NCNPDDMARDLEQGDVSETIRVFFEQSKSFPPAAKSLLTIQEVDEFLLRLSKLTKEDEQQQALQDIASRCTANDLKCIIR
LIKHDLKMNSGAKHVLDALDPNAYEAFKASRNLQDVVERVLHNAQEVEKEPGQRRALSVQASLMTPVQPMLAEACKSVEY
AMKKCPNGMFSEIKYDGERVQVHKNGDHFSYFSRSLKPVLPHKVAHFKDYIPQAFPGGHSMILDSEVLLIDNKTGKPLPF
GTLGVHKKAAFQDANVCLFVFDCIYFNDVSLMDRPLCERRKFLHDNMVEIPNRIMFSEMKRVTKALDLADMITRVIQEGL
EGLVLKDVKGTYEPGKRHWLKVKKDYLNEGAMADTADLVVLGAFYGQGSKGGMMSIFLMGCYDPGSQKWCTVTKCAGGHD
DATLARLQNELDMVKISKDPSKIPSWLKVNKIYYPDFIVPDPKKAAVWEITGAEFSKSEAHTADGISIRFPRCTRIRDDK
DWKSATNLPQLKELYQLSK
;
A
2 'polydeoxyribonucleotide' (DC)(DG)(DG)(DG)(DA)(DT)(DG)(DC)(DG)(DT)(DC) B
3 'polydeoxyribonucleotide' (DG)(DT)(DC)(DG)(DG)(DA)(DC)(DT)(DG) C
4 'polydeoxyribonucleotide'
;(DG)(DC)(DC)(DA)(DG)(DT)(DC)(DC)(DG)(DA)(DC)(DG)(DA)(DC)(DG)(DC)(DA)(DT)(DC)(DC)
(DC)(DG)
;
D
#
loop_
_chem_comp.id
_chem_comp.type
_chem_comp.name
_chem_comp.formula
AMP non-polymer 'ADENOSINE MONOPHOSPHATE' 'C10 H14 N5 O7 P'
DA DNA linking 2'-DEOXYADENOSINE-5'-MONOPHOSPHATE 'C10 H14 N5 O6 P'
DC DNA linking 2'-DEOXYCYTIDINE-5'-MONOPHOSPHATE 'C9 H14 N3 O7 P'
DG DNA linking 2'-DEOXYGUANOSINE-5'-MONOPHOSPHATE 'C10 H14 N5 O7 P'
DT DNA linking THYMIDINE-5'-MONOPHOSPHATE 'C10 H15 N2 O8 P'
#
# COMPACT_ATOMS: atom_id res chain seq x y z
N HIS A 1 -7.85 -11.86 -35.59
CA HIS A 1 -8.05 -10.38 -35.53
C HIS A 1 -7.45 -9.70 -34.26
N MET A 2 -6.18 -10.04 -33.97
CA MET A 2 -5.35 -9.38 -32.94
C MET A 2 -4.04 -8.83 -33.55
N ARG A 3 -4.05 -8.70 -34.89
CA ARG A 3 -2.83 -8.50 -35.67
C ARG A 3 -2.66 -7.07 -36.21
N HIS A 4 -3.49 -6.13 -35.74
CA HIS A 4 -3.34 -4.71 -36.08
C HIS A 4 -2.14 -4.08 -35.32
N LYS A 5 -1.65 -2.92 -35.81
CA LYS A 5 -0.44 -2.26 -35.27
C LYS A 5 -0.58 -1.81 -33.81
N ASP A 6 -1.80 -1.44 -33.45
CA ASP A 6 -2.08 -0.93 -32.12
C ASP A 6 -1.93 -2.02 -31.03
N CYS A 7 -1.71 -3.26 -31.44
CA CYS A 7 -1.58 -4.37 -30.49
C CYS A 7 -0.13 -4.82 -30.28
N LEU A 8 0.80 -4.06 -30.83
CA LEU A 8 2.19 -4.44 -30.77
C LEU A 8 2.91 -3.86 -29.57
N LEU A 9 3.67 -4.69 -28.86
CA LEU A 9 4.61 -4.16 -27.88
C LEU A 9 5.33 -2.89 -28.33
N ARG A 10 5.73 -2.84 -29.61
CA ARG A 10 6.48 -1.70 -30.13
C ARG A 10 5.69 -0.42 -29.90
N GLU A 11 4.40 -0.47 -30.27
CA GLU A 11 3.49 0.65 -30.07
C GLU A 11 3.24 0.91 -28.58
N PHE A 12 3.00 -0.17 -27.84
CA PHE A 12 2.84 -0.03 -26.41
C PHE A 12 4.02 0.70 -25.82
N ARG A 13 5.23 0.33 -26.21
CA ARG A 13 6.42 0.95 -25.66
C ARG A 13 6.42 2.41 -26.05
N LYS A 14 6.13 2.66 -27.33
CA LYS A 14 6.02 4.03 -27.85
C LYS A 14 5.20 4.83 -26.88
N LEU A 15 4.03 4.27 -26.55
CA LEU A 15 3.08 4.91 -25.65
C LEU A 15 3.71 5.19 -24.32
N CYS A 16 4.39 4.20 -23.78
CA CYS A 16 5.00 4.33 -22.47
C CYS A 16 6.13 5.33 -22.47
N ALA A 17 6.92 5.31 -23.55
CA ALA A 17 8.06 6.19 -23.66
C ALA A 17 7.57 7.64 -23.75
N MET A 18 6.46 7.84 -24.45
CA MET A 18 5.96 9.18 -24.65
C MET A 18 5.47 9.80 -23.34
N VAL A 19 4.58 9.08 -22.68
CA VAL A 19 4.01 9.50 -21.40
C VAL A 19 5.09 9.84 -20.36
N ALA A 20 6.14 9.03 -20.29
CA ALA A 20 7.25 9.28 -19.36
C ALA A 20 8.07 10.51 -19.73
N ASP A 21 8.20 10.78 -21.02
CA ASP A 21 9.03 11.88 -21.43
C ASP A 21 8.20 13.16 -21.43
N ASN A 22 7.08 13.13 -20.74
CA ASN A 22 6.19 14.29 -20.78
C ASN A 22 5.61 14.63 -19.41
N PRO A 23 6.20 15.62 -18.72
CA PRO A 23 5.99 15.84 -17.27
C PRO A 23 4.62 16.38 -16.83
N SER A 24 3.93 17.14 -17.67
CA SER A 24 2.54 17.53 -17.36
C SER A 24 1.53 16.37 -17.49
N TYR A 25 0.85 16.06 -16.38
CA TYR A 25 -0.21 15.03 -16.36
C TYR A 25 -1.27 15.31 -17.40
N ASN A 26 -1.67 16.59 -17.52
CA ASN A 26 -2.68 17.01 -18.48
C ASN A 26 -2.39 16.44 -19.84
N THR A 27 -1.14 16.58 -20.27
CA THR A 27 -0.74 16.09 -21.58
C THR A 27 -0.52 14.57 -21.57
N LYS A 28 -0.03 13.99 -20.47
CA LYS A 28 0.10 12.52 -20.38
C LYS A 28 -1.21 11.89 -20.76
N THR A 29 -2.26 12.28 -20.06
CA THR A 29 -3.55 11.64 -20.30
C THR A 29 -4.03 11.95 -21.70
N GLN A 30 -3.75 13.17 -22.14
CA GLN A 30 -4.02 13.54 -23.52
C GLN A 30 -3.35 12.56 -24.50
N ILE A 31 -2.06 12.29 -24.28
CA ILE A 31 -1.32 11.37 -25.12
C ILE A 31 -2.14 10.09 -25.23
N ILE A 32 -2.33 9.37 -24.11
CA ILE A 32 -3.10 8.11 -24.08
C ILE A 32 -4.40 8.29 -24.87
N GLN A 33 -5.12 9.37 -24.57
CA GLN A 33 -6.43 9.64 -25.15
C GLN A 33 -6.38 9.62 -26.68
N ASP A 34 -5.42 10.35 -27.23
CA ASP A 34 -5.24 10.41 -28.66
C ASP A 34 -5.08 9.01 -29.15
N PHE A 35 -4.10 8.29 -28.58
CA PHE A 35 -3.84 6.92 -28.96
C PHE A 35 -5.10 6.04 -28.93
N LEU A 36 -5.87 6.08 -27.85
CA LEU A 36 -7.10 5.28 -27.78
C LEU A 36 -8.19 5.74 -28.76
N ARG A 37 -7.98 6.85 -29.43
CA ARG A 37 -9.01 7.39 -30.30
C ARG A 37 -8.62 7.35 -31.75
N LYS A 38 -7.35 7.63 -32.04
CA LYS A 38 -6.89 7.74 -33.41
C LYS A 38 -6.18 6.48 -33.85
N GLY A 39 -5.00 6.27 -33.27
CA GLY A 39 -4.12 5.16 -33.59
C GLY A 39 -2.67 5.59 -33.48
N GLY A 47 -7.53 -1.86 -32.54
CA GLY A 47 -6.67 -2.09 -31.38
C GLY A 47 -7.37 -2.24 -30.03
N ASP A 48 -6.84 -3.16 -29.19
CA ASP A 48 -7.52 -3.63 -27.97
C ASP A 48 -7.49 -2.68 -26.79
N VAL A 49 -8.68 -2.32 -26.34
CA VAL A 49 -8.88 -1.25 -25.37
C VAL A 49 -8.60 -1.72 -23.97
N TYR A 50 -9.34 -2.77 -23.58
CA TYR A 50 -9.10 -3.35 -22.27
C TYR A 50 -7.62 -3.57 -21.97
N LEU A 51 -6.86 -4.11 -22.91
CA LEU A 51 -5.50 -4.52 -22.60
C LEU A 51 -4.49 -3.41 -22.51
N THR A 52 -4.65 -2.39 -23.35
CA THR A 52 -3.70 -1.27 -23.29
C THR A 52 -3.89 -0.53 -21.97
N VAL A 53 -5.13 -0.37 -21.54
CA VAL A 53 -5.41 0.31 -20.26
C VAL A 53 -4.95 -0.53 -19.08
N LYS A 54 -5.13 -1.84 -19.18
CA LYS A 54 -4.68 -2.77 -18.14
C LYS A 54 -3.19 -2.79 -18.05
N LEU A 55 -2.54 -2.96 -19.19
CA LEU A 55 -1.11 -3.02 -19.20
C LEU A 55 -0.57 -1.68 -18.81
N LEU A 56 -1.34 -0.64 -19.06
CA LEU A 56 -0.92 0.67 -18.65
C LEU A 56 -0.90 0.83 -17.14
N LEU A 57 -1.60 -0.06 -16.43
CA LEU A 57 -1.65 0.00 -14.97
C LEU A 57 -1.14 -1.27 -14.20
N PRO A 58 0.11 -1.69 -14.44
CA PRO A 58 0.65 -2.84 -13.73
C PRO A 58 0.64 -2.73 -12.18
N GLY A 59 0.56 -1.51 -11.65
CA GLY A 59 0.64 -1.29 -10.22
C GLY A 59 -0.73 -1.14 -9.55
N VAL A 60 -1.79 -1.22 -10.35
CA VAL A 60 -3.13 -0.94 -9.89
C VAL A 60 -3.90 -2.21 -10.12
N ILE A 61 -3.69 -2.81 -11.28
CA ILE A 61 -4.29 -4.11 -11.53
C ILE A 61 -3.19 -5.12 -11.34
N LYS A 62 -2.93 -5.52 -10.09
CA LYS A 62 -1.68 -6.25 -9.76
C LYS A 62 -1.84 -7.73 -9.97
N THR A 63 -0.86 -8.34 -10.64
CA THR A 63 -0.70 -9.82 -10.65
C THR A 63 0.58 -10.17 -9.89
N VAL A 64 0.48 -11.14 -9.00
CA VAL A 64 1.63 -11.62 -8.22
C VAL A 64 2.51 -12.62 -9.03
N TYR A 65 3.79 -12.30 -9.24
CA TYR A 65 4.69 -13.22 -9.94
C TYR A 65 5.70 -13.96 -9.05
N ASN A 66 5.81 -13.54 -7.81
CA ASN A 66 6.78 -14.11 -6.90
C ASN A 66 8.19 -13.90 -7.39
N LEU A 67 8.38 -12.88 -8.21
CA LEU A 67 9.72 -12.51 -8.64
C LEU A 67 10.08 -11.11 -8.12
N ASN A 68 11.36 -10.83 -7.95
CA ASN A 68 11.80 -9.48 -7.66
C ASN A 68 13.30 -9.38 -7.92
N ASP A 69 13.85 -8.16 -7.85
CA ASP A 69 15.23 -7.93 -8.24
C ASP A 69 16.07 -9.19 -8.07
N LYS A 70 16.14 -9.70 -6.84
CA LYS A 70 17.02 -10.84 -6.54
C LYS A 70 16.82 -12.03 -7.50
N GLN A 71 15.67 -12.69 -7.41
CA GLN A 71 15.35 -13.86 -8.22
C GLN A 71 15.44 -13.68 -9.74
N ILE A 72 14.93 -12.56 -10.24
CA ILE A 72 15.01 -12.20 -11.65
C ILE A 72 16.46 -12.26 -12.16
N VAL A 73 17.35 -11.70 -11.35
CA VAL A 73 18.77 -11.71 -11.65
C VAL A 73 19.33 -13.14 -11.62
N LYS A 74 18.92 -13.94 -10.63
CA LYS A 74 19.33 -15.33 -10.54
C LYS A 74 18.92 -16.02 -11.82
N LEU A 75 17.66 -15.89 -12.19
CA LEU A 75 17.17 -16.67 -13.30
C LEU A 75 17.70 -16.23 -14.64
N PHE A 76 18.04 -14.97 -14.80
CA PHE A 76 18.50 -14.55 -16.12
C PHE A 76 19.96 -14.76 -16.34
N SER A 77 20.71 -14.84 -15.25
CA SER A 77 22.12 -15.18 -15.32
C SER A 77 22.23 -16.62 -15.79
N ARG A 78 21.16 -17.37 -15.59
CA ARG A 78 21.13 -18.75 -16.04
C ARG A 78 20.82 -18.86 -17.51
N ILE A 79 19.92 -18.03 -18.01
CA ILE A 79 19.58 -18.15 -19.42
C ILE A 79 20.64 -17.45 -20.28
N PHE A 80 21.32 -16.46 -19.69
CA PHE A 80 22.32 -15.69 -20.41
C PHE A 80 23.71 -16.34 -20.40
N ASN A 81 23.91 -17.25 -19.45
CA ASN A 81 25.16 -17.99 -19.22
C ASN A 81 26.30 -17.10 -18.74
N CYS A 82 25.93 -16.04 -18.01
CA CYS A 82 26.88 -15.04 -17.51
C CYS A 82 26.96 -14.98 -15.97
N ASN A 83 27.88 -14.16 -15.44
CA ASN A 83 28.17 -14.10 -14.00
C ASN A 83 27.20 -13.22 -13.20
N PRO A 84 26.47 -13.84 -12.25
CA PRO A 84 25.41 -13.13 -11.53
C PRO A 84 25.94 -12.08 -10.53
N ASP A 85 27.26 -12.05 -10.31
CA ASP A 85 27.86 -11.02 -9.46
C ASP A 85 27.84 -9.66 -10.14
N ASP A 86 28.03 -9.65 -11.46
CA ASP A 86 28.14 -8.42 -12.23
C ASP A 86 26.79 -7.72 -12.27
N MET A 87 25.74 -8.50 -12.51
CA MET A 87 24.37 -8.00 -12.46
C MET A 87 24.02 -7.41 -11.09
N ALA A 88 24.54 -8.01 -10.03
CA ALA A 88 24.26 -7.56 -8.67
C ALA A 88 24.83 -6.16 -8.42
N ARG A 89 26.05 -5.93 -8.92
CA ARG A 89 26.65 -4.60 -8.87
C ARG A 89 25.82 -3.63 -9.66
N ASP A 90 25.30 -4.09 -10.79
CA ASP A 90 24.46 -3.27 -11.63
C ASP A 90 23.08 -2.96 -11.00
N LEU A 91 22.65 -3.83 -10.09
CA LEU A 91 21.41 -3.59 -9.35
C LEU A 91 21.52 -2.36 -8.46
N GLU A 92 22.73 -1.85 -8.31
CA GLU A 92 22.97 -0.74 -7.43
C GLU A 92 22.57 0.59 -8.08
N GLN A 93 22.39 0.63 -9.40
CA GLN A 93 21.82 1.81 -10.06
C GLN A 93 20.32 1.87 -9.87
N GLY A 94 19.73 0.74 -9.48
CA GLY A 94 18.35 0.70 -9.01
C GLY A 94 17.32 0.61 -10.10
N ASP A 95 17.51 -0.33 -11.01
CA ASP A 95 16.53 -0.59 -12.05
C ASP A 95 16.84 -1.89 -12.74
N VAL A 96 16.09 -2.93 -12.40
CA VAL A 96 16.34 -4.25 -12.92
C VAL A 96 16.12 -4.29 -14.43
N SER A 97 15.05 -3.63 -14.87
CA SER A 97 14.72 -3.57 -16.30
C SER A 97 15.91 -3.11 -17.13
N GLU A 98 16.49 -1.98 -16.74
CA GLU A 98 17.71 -1.51 -17.35
C GLU A 98 18.82 -2.57 -17.16
N THR A 99 19.00 -3.06 -15.93
CA THR A 99 20.05 -4.05 -15.66
C THR A 99 19.96 -5.25 -16.60
N ILE A 100 18.75 -5.74 -16.81
CA ILE A 100 18.56 -6.83 -17.74
C ILE A 100 18.90 -6.44 -19.17
N ARG A 101 18.32 -5.36 -19.68
CA ARG A 101 18.48 -5.04 -21.09
C ARG A 101 19.95 -5.03 -21.44
N VAL A 102 20.76 -4.39 -20.59
CA VAL A 102 22.20 -4.34 -20.78
C VAL A 102 22.83 -5.75 -20.93
N PHE A 103 22.53 -6.63 -19.99
CA PHE A 103 23.02 -8.00 -20.03
C PHE A 103 22.22 -8.82 -21.02
N PHE A 104 21.57 -8.16 -21.97
CA PHE A 104 20.79 -8.89 -22.96
C PHE A 104 21.44 -8.87 -24.34
N GLU A 105 22.35 -7.93 -24.59
CA GLU A 105 23.25 -8.06 -25.76
C GLU A 105 24.55 -8.78 -25.45
N GLN A 106 25.05 -8.64 -24.22
CA GLN A 106 26.29 -9.29 -23.80
C GLN A 106 26.33 -10.79 -24.15
N SER A 107 25.15 -11.41 -24.13
CA SER A 107 25.02 -12.85 -24.34
C SER A 107 25.29 -13.29 -25.76
N LYS A 108 26.57 -13.57 -26.04
CA LYS A 108 26.95 -14.22 -27.27
C LYS A 108 26.36 -15.63 -27.31
N SER A 109 25.30 -15.87 -26.53
CA SER A 109 24.63 -17.17 -26.44
C SER A 109 23.09 -17.08 -26.46
N PHE A 110 22.50 -16.15 -25.71
CA PHE A 110 21.07 -15.83 -25.89
C PHE A 110 20.93 -14.41 -26.46
N PRO A 111 20.94 -14.30 -27.80
CA PRO A 111 20.85 -12.99 -28.43
C PRO A 111 19.39 -12.54 -28.44
N PRO A 112 19.14 -11.21 -28.35
CA PRO A 112 17.83 -10.55 -28.55
C PRO A 112 17.21 -10.95 -29.88
N ALA A 113 15.89 -10.83 -30.02
CA ALA A 113 15.27 -11.13 -31.29
C ALA A 113 15.66 -10.08 -32.33
N ALA A 114 15.45 -10.45 -33.60
CA ALA A 114 15.76 -9.59 -34.74
C ALA A 114 14.84 -8.34 -34.81
N LYS A 115 13.53 -8.55 -34.75
CA LYS A 115 12.56 -7.44 -34.77
C LYS A 115 11.47 -7.68 -33.75
N SER A 116 10.90 -6.59 -33.21
CA SER A 116 9.78 -6.65 -32.26
C SER A 116 8.52 -7.20 -32.94
N LEU A 117 8.11 -8.42 -32.59
CA LEU A 117 6.94 -9.05 -33.22
C LEU A 117 5.82 -9.47 -32.23
N LEU A 118 5.93 -9.07 -30.97
CA LEU A 118 4.99 -9.51 -29.94
C LEU A 118 3.71 -8.70 -29.95
N THR A 119 2.59 -9.38 -29.83
CA THR A 119 1.32 -8.69 -29.65
C THR A 119 1.03 -8.64 -28.16
N ILE A 120 0.53 -7.51 -27.68
CA ILE A 120 0.24 -7.37 -26.25
C ILE A 120 -0.63 -8.48 -25.67
N GLN A 121 -1.46 -9.12 -26.48
CA GLN A 121 -2.23 -10.27 -26.02
C GLN A 121 -1.29 -11.36 -25.53
N GLU A 122 -0.19 -11.56 -26.25
CA GLU A 122 0.77 -12.62 -25.93
C GLU A 122 1.48 -12.29 -24.64
N VAL A 123 1.84 -11.02 -24.49
CA VAL A 123 2.41 -10.52 -23.25
C VAL A 123 1.47 -10.69 -22.03
N ASP A 124 0.16 -10.50 -22.25
CA ASP A 124 -0.81 -10.66 -21.18
C ASP A 124 -0.98 -12.16 -20.94
N GLU A 125 -1.13 -12.93 -22.03
CA GLU A 125 -1.27 -14.38 -21.91
C GLU A 125 -0.05 -14.94 -21.25
N PHE A 126 1.09 -14.32 -21.53
CA PHE A 126 2.30 -14.78 -20.91
C PHE A 126 2.26 -14.51 -19.43
N LEU A 127 1.96 -13.25 -19.06
CA LEU A 127 2.05 -12.83 -17.67
C LEU A 127 1.13 -13.70 -16.83
N LEU A 128 0.01 -14.08 -17.44
CA LEU A 128 -0.94 -14.88 -16.75
C LEU A 128 -0.22 -16.18 -16.36
N ARG A 129 0.29 -16.87 -17.36
CA ARG A 129 0.90 -18.16 -17.11
C ARG A 129 2.14 -18.04 -16.26
N LEU A 130 2.83 -16.90 -16.32
CA LEU A 130 3.99 -16.71 -15.47
C LEU A 130 3.49 -16.71 -14.03
N SER A 131 2.33 -16.12 -13.81
CA SER A 131 1.90 -15.80 -12.47
C SER A 131 1.55 -17.08 -11.73
N LYS A 132 1.11 -18.07 -12.49
CA LYS A 132 0.88 -19.41 -11.95
C LYS A 132 2.19 -20.20 -11.62
N LEU A 133 3.34 -19.75 -12.09
CA LEU A 133 4.58 -20.42 -11.76
C LEU A 133 5.11 -20.03 -10.42
N THR A 134 5.87 -20.93 -9.80
CA THR A 134 6.33 -20.78 -8.42
C THR A 134 7.69 -21.46 -8.18
N LYS A 135 8.04 -22.51 -8.95
CA LYS A 135 9.37 -23.12 -8.83
C LYS A 135 10.34 -22.50 -9.83
N GLU A 136 11.56 -22.23 -9.37
CA GLU A 136 12.65 -21.65 -10.19
C GLU A 136 12.78 -22.28 -11.56
N ASP A 137 12.75 -23.62 -11.62
CA ASP A 137 12.81 -24.33 -12.90
C ASP A 137 11.79 -23.77 -13.86
N GLU A 138 10.51 -23.86 -13.48
CA GLU A 138 9.41 -23.45 -14.33
C GLU A 138 9.51 -21.98 -14.74
N GLN A 139 9.99 -21.14 -13.85
CA GLN A 139 10.03 -19.72 -14.16
C GLN A 139 11.05 -19.40 -15.24
N GLN A 140 12.29 -19.82 -15.01
CA GLN A 140 13.39 -19.70 -16.00
C GLN A 140 12.96 -20.13 -17.40
N GLN A 141 12.21 -21.23 -17.45
CA GLN A 141 11.67 -21.73 -18.68
C GLN A 141 10.80 -20.69 -19.34
N ALA A 142 9.73 -20.33 -18.63
CA ALA A 142 8.73 -19.39 -19.11
C ALA A 142 9.40 -18.13 -19.60
N LEU A 143 10.16 -17.53 -18.68
CA LEU A 143 10.94 -16.36 -18.95
C LEU A 143 11.72 -16.54 -20.22
N GLN A 144 12.39 -17.67 -20.37
CA GLN A 144 13.12 -17.92 -21.59
C GLN A 144 12.18 -17.93 -22.79
N ASP A 145 11.12 -18.77 -22.76
CA ASP A 145 10.12 -18.82 -23.84
C ASP A 145 9.79 -17.43 -24.39
N ILE A 146 9.47 -16.49 -23.50
CA ILE A 146 9.18 -15.12 -23.92
C ILE A 146 10.43 -14.34 -24.36
N ALA A 147 11.48 -14.41 -23.56
CA ALA A 147 12.65 -13.55 -23.72
C ALA A 147 13.28 -13.74 -25.09
N SER A 148 13.15 -14.96 -25.60
CA SER A 148 13.66 -15.36 -26.90
C SER A 148 12.76 -14.85 -28.02
N ARG A 149 11.99 -13.79 -27.74
CA ARG A 149 11.21 -13.12 -28.78
C ARG A 149 11.25 -11.59 -28.58
N CYS A 150 12.35 -11.05 -28.03
CA CYS A 150 12.38 -9.67 -27.52
C CYS A 150 13.45 -8.73 -28.09
N THR A 151 13.08 -7.52 -28.51
CA THR A 151 14.04 -6.50 -29.01
C THR A 151 14.94 -5.95 -27.90
N ALA A 152 14.94 -6.60 -26.73
CA ALA A 152 15.54 -6.04 -25.52
C ALA A 152 14.66 -4.89 -25.03
N ASN A 153 14.56 -3.82 -25.82
CA ASN A 153 13.50 -2.81 -25.66
C ASN A 153 12.25 -3.54 -25.21
N ASP A 154 11.89 -4.63 -25.90
CA ASP A 154 10.77 -5.48 -25.50
C ASP A 154 10.96 -6.04 -24.09
N LEU A 155 12.05 -6.77 -23.90
CA LEU A 155 12.30 -7.47 -22.64
C LEU A 155 12.28 -6.53 -21.45
N LYS A 156 13.02 -5.43 -21.56
CA LYS A 156 13.01 -4.39 -20.55
C LYS A 156 11.58 -4.06 -20.16
N CYS A 157 10.79 -3.63 -21.14
CA CYS A 157 9.43 -3.29 -20.86
C CYS A 157 8.78 -4.43 -20.09
N ILE A 158 9.01 -5.67 -20.54
CA ILE A 158 8.23 -6.77 -19.97
C ILE A 158 8.62 -7.10 -18.52
N ILE A 159 9.83 -6.80 -18.11
CA ILE A 159 10.12 -6.98 -16.69
C ILE A 159 9.60 -5.81 -15.83
N ARG A 160 9.48 -4.61 -16.41
CA ARG A 160 8.75 -3.49 -15.75
C ARG A 160 7.28 -3.87 -15.50
N LEU A 161 6.67 -4.55 -16.46
CA LEU A 161 5.36 -5.09 -16.21
C LEU A 161 5.38 -6.04 -15.01
N ILE A 162 6.41 -6.89 -14.93
CA ILE A 162 6.56 -7.89 -13.88
C ILE A 162 6.77 -7.18 -12.53
N LYS A 163 7.35 -6.01 -12.63
CA LYS A 163 7.77 -5.26 -11.50
C LYS A 163 6.68 -4.25 -11.03
N HIS A 164 5.53 -4.29 -11.67
CA HIS A 164 4.40 -3.47 -11.30
C HIS A 164 4.66 -1.98 -11.43
N ASP A 165 5.64 -1.60 -12.22
CA ASP A 165 6.00 -0.21 -12.32
C ASP A 165 6.61 0.12 -13.67
N LEU A 166 5.85 0.87 -14.48
CA LEU A 166 6.30 1.35 -15.80
C LEU A 166 7.15 2.62 -15.77
N LYS A 167 7.61 3.03 -14.59
CA LYS A 167 8.42 4.23 -14.48
C LYS A 167 8.00 5.35 -15.45
N MET A 168 6.74 5.76 -15.38
CA MET A 168 6.25 6.84 -16.23
C MET A 168 5.47 7.94 -15.50
N ASN A 169 5.30 7.83 -14.18
CA ASN A 169 4.60 8.85 -13.41
C ASN A 169 3.17 9.02 -13.86
N SER A 170 2.55 7.95 -14.30
CA SER A 170 1.15 8.04 -14.49
C SER A 170 0.48 6.84 -13.89
N GLY A 171 -0.33 7.09 -12.87
CA GLY A 171 -1.03 6.02 -12.18
C GLY A 171 -2.43 5.93 -12.71
N ALA A 172 -3.35 5.47 -11.86
CA ALA A 172 -4.72 5.16 -12.32
C ALA A 172 -5.46 6.39 -12.78
N LYS A 173 -5.35 7.49 -12.03
CA LYS A 173 -6.15 8.70 -12.33
C LYS A 173 -5.96 9.09 -13.77
N HIS A 174 -4.70 9.28 -14.10
CA HIS A 174 -4.30 9.81 -15.39
C HIS A 174 -4.46 8.87 -16.54
N VAL A 175 -4.30 7.58 -16.30
CA VAL A 175 -4.62 6.63 -17.34
C VAL A 175 -6.12 6.52 -17.55
N LEU A 176 -6.90 6.62 -16.49
CA LEU A 176 -8.31 6.37 -16.65
C LEU A 176 -8.99 7.58 -17.24
N ASP A 177 -8.37 8.73 -17.06
CA ASP A 177 -9.00 9.96 -17.54
C ASP A 177 -9.06 9.99 -19.06
N ALA A 178 -8.10 9.31 -19.69
CA ALA A 178 -8.11 9.18 -21.12
C ALA A 178 -9.28 8.29 -21.56
N LEU A 179 -9.86 7.55 -20.64
CA LEU A 179 -10.87 6.57 -21.03
C LEU A 179 -12.28 7.15 -21.01
N ASP A 180 -12.47 8.20 -20.23
CA ASP A 180 -13.78 8.76 -20.07
C ASP A 180 -13.64 9.71 -18.93
N PRO A 181 -14.27 10.89 -19.07
CA PRO A 181 -14.51 11.89 -18.07
C PRO A 181 -14.75 11.31 -16.69
N ASN A 182 -15.35 10.13 -16.59
CA ASN A 182 -15.68 9.59 -15.27
C ASN A 182 -15.06 8.26 -14.84
N ALA A 183 -14.33 7.64 -15.77
CA ALA A 183 -13.70 6.36 -15.53
C ALA A 183 -13.09 6.25 -14.14
N TYR A 184 -12.18 7.14 -13.80
CA TYR A 184 -11.60 7.13 -12.47
C TYR A 184 -12.60 7.05 -11.32
N GLU A 185 -13.48 8.05 -11.22
CA GLU A 185 -14.53 8.08 -10.20
C GLU A 185 -15.32 6.79 -10.26
N ALA A 186 -15.77 6.36 -11.43
CA ALA A 186 -16.57 5.13 -11.53
C ALA A 186 -15.82 3.88 -11.08
N PHE A 187 -14.54 3.83 -11.42
CA PHE A 187 -13.65 2.76 -10.99
C PHE A 187 -13.55 2.67 -9.48
N LYS A 188 -13.45 3.84 -8.81
CA LYS A 188 -13.32 3.88 -7.36
C LYS A 188 -14.60 3.37 -6.70
N ALA A 189 -15.72 3.62 -7.33
CA ALA A 189 -16.94 3.16 -6.73
C ALA A 189 -17.12 1.68 -6.95
N SER A 190 -16.72 1.17 -8.11
CA SER A 190 -16.74 -0.29 -8.26
C SER A 190 -15.46 -0.71 -8.93
N ARG A 191 -14.54 -1.22 -8.15
CA ARG A 191 -13.15 -1.30 -8.56
C ARG A 191 -12.90 -2.58 -9.34
N ASN A 192 -13.35 -2.58 -10.59
CA ASN A 192 -13.09 -3.64 -11.52
C ASN A 192 -12.95 -3.02 -12.92
N LEU A 193 -11.71 -2.97 -13.42
CA LEU A 193 -11.42 -2.38 -14.73
C LEU A 193 -12.19 -2.92 -15.95
N GLN A 194 -12.29 -4.24 -16.01
CA GLN A 194 -12.95 -4.88 -17.11
C GLN A 194 -14.38 -4.39 -17.19
N ASP A 195 -15.00 -4.19 -16.03
CA ASP A 195 -16.40 -3.78 -16.05
C ASP A 195 -16.52 -2.33 -16.49
N VAL A 196 -15.61 -1.48 -16.03
CA VAL A 196 -15.62 -0.10 -16.47
C VAL A 196 -15.53 -0.04 -17.97
N VAL A 197 -14.57 -0.76 -18.57
CA VAL A 197 -14.34 -0.69 -20.02
C VAL A 197 -15.55 -1.18 -20.78
N GLU A 198 -16.08 -2.33 -20.35
CA GLU A 198 -17.28 -2.92 -20.93
C GLU A 198 -18.37 -1.89 -20.91
N ARG A 199 -18.44 -1.13 -19.83
CA ARG A 199 -19.45 -0.10 -19.70
C ARG A 199 -19.19 1.09 -20.62
N VAL A 200 -17.95 1.54 -20.72
CA VAL A 200 -17.60 2.61 -21.64
C VAL A 200 -17.80 2.25 -23.11
N LEU A 201 -17.47 1.01 -23.49
CA LEU A 201 -17.72 0.51 -24.84
C LEU A 201 -19.21 0.30 -25.13
N HIS A 202 -20.01 -0.05 -24.13
CA HIS A 202 -21.45 -0.09 -24.40
C HIS A 202 -21.99 1.32 -24.57
N ASN A 203 -21.27 2.32 -24.09
CA ASN A 203 -21.74 3.71 -24.15
C ASN A 203 -21.30 4.34 -25.44
N ALA A 204 -20.00 4.22 -25.70
CA ALA A 204 -19.39 4.69 -26.93
C ALA A 204 -20.04 4.01 -28.14
N GLN A 205 -20.64 2.85 -27.88
CA GLN A 205 -21.32 2.11 -28.92
C GLN A 205 -22.44 2.94 -29.56
N GLU A 206 -23.34 3.47 -28.73
CA GLU A 206 -24.61 4.06 -29.25
C GLU A 206 -24.62 5.58 -29.54
N VAL A 207 -23.95 6.03 -30.61
CA VAL A 207 -23.85 7.47 -30.97
C VAL A 207 -24.36 7.80 -32.41
N GLU A 208 -23.47 7.65 -33.41
CA GLU A 208 -23.84 7.59 -34.83
C GLU A 208 -24.60 8.80 -35.36
N LEU A 217 -21.62 8.13 -18.43
CA LEU A 217 -20.96 7.04 -17.66
C LEU A 217 -21.10 7.31 -16.18
N SER A 218 -22.04 6.60 -15.56
CA SER A 218 -22.48 6.95 -14.21
C SER A 218 -21.68 6.21 -13.18
N VAL A 219 -21.48 6.88 -12.04
CA VAL A 219 -20.57 6.48 -11.01
C VAL A 219 -21.31 5.73 -9.89
N GLN A 220 -21.66 4.48 -10.11
CA GLN A 220 -22.45 3.70 -9.16
C GLN A 220 -21.62 2.61 -8.46
N ALA A 221 -22.02 2.21 -7.27
CA ALA A 221 -21.34 1.13 -6.59
C ALA A 221 -22.11 -0.14 -6.93
N SER A 222 -21.40 -1.27 -6.97
CA SER A 222 -21.98 -2.52 -7.42
C SER A 222 -21.66 -3.56 -6.38
N LEU A 223 -22.72 -4.24 -5.97
CA LEU A 223 -22.74 -5.13 -4.84
C LEU A 223 -21.95 -6.30 -5.26
N MET A 224 -21.05 -6.71 -4.36
CA MET A 224 -20.09 -7.84 -4.57
C MET A 224 -18.78 -7.47 -5.25
N THR A 225 -18.69 -6.25 -5.77
CA THR A 225 -17.44 -5.75 -6.27
C THR A 225 -16.88 -4.60 -5.40
N PRO A 226 -15.57 -4.60 -5.08
CA PRO A 226 -14.94 -3.67 -4.16
C PRO A 226 -15.18 -2.22 -4.42
N VAL A 227 -15.34 -1.46 -3.33
CA VAL A 227 -15.32 0.00 -3.36
C VAL A 227 -14.03 0.46 -2.74
N GLN A 228 -13.27 1.30 -3.44
CA GLN A 228 -12.06 1.94 -2.90
C GLN A 228 -12.38 2.54 -1.56
N PRO A 229 -11.81 2.03 -0.47
CA PRO A 229 -12.29 2.53 0.81
C PRO A 229 -12.00 4.00 1.03
N MET A 230 -12.85 4.68 1.79
CA MET A 230 -12.59 6.08 2.12
C MET A 230 -11.42 6.20 3.07
N LEU A 231 -10.73 7.33 2.98
CA LEU A 231 -9.46 7.45 3.71
C LEU A 231 -9.40 8.60 4.72
N ALA A 232 -8.37 8.57 5.58
CA ALA A 232 -8.20 9.55 6.65
C ALA A 232 -6.92 10.35 6.43
N GLU A 233 -7.03 11.68 6.53
CA GLU A 233 -5.88 12.52 6.43
C GLU A 233 -5.25 12.69 7.79
N ALA A 234 -3.91 12.74 7.80
CA ALA A 234 -3.20 13.10 9.00
C ALA A 234 -3.55 14.54 9.35
N CYS A 235 -3.99 14.73 10.59
CA CYS A 235 -4.42 16.02 11.11
C CYS A 235 -3.55 16.46 12.31
N LYS A 236 -2.83 17.56 12.13
CA LYS A 236 -1.71 17.89 13.00
C LYS A 236 -2.07 18.76 14.23
N SER A 237 -3.28 19.33 14.25
CA SER A 237 -3.72 20.17 15.37
C SER A 237 -5.25 20.16 15.55
N VAL A 238 -5.73 20.60 16.71
CA VAL A 238 -7.18 20.75 16.94
C VAL A 238 -7.74 21.87 16.08
N GLU A 239 -6.99 22.98 16.03
CA GLU A 239 -7.22 24.08 15.10
C GLU A 239 -7.60 23.49 13.77
N TYR A 240 -6.73 22.65 13.23
CA TYR A 240 -6.91 22.07 11.90
C TYR A 240 -8.20 21.26 11.78
N ALA A 241 -8.43 20.35 12.72
CA ALA A 241 -9.60 19.49 12.67
C ALA A 241 -10.88 20.29 12.76
N MET A 242 -10.80 21.41 13.47
CA MET A 242 -11.98 22.21 13.73
C MET A 242 -12.46 22.87 12.45
N LYS A 243 -11.50 23.28 11.63
CA LYS A 243 -11.72 23.99 10.37
C LYS A 243 -12.41 23.09 9.34
N LYS A 244 -11.91 21.88 9.20
CA LYS A 244 -12.38 20.93 8.23
C LYS A 244 -13.67 20.20 8.67
N CYS A 245 -14.07 20.35 9.92
CA CYS A 245 -15.38 19.89 10.35
C CYS A 245 -16.22 21.08 10.77
N PRO A 246 -16.75 21.82 9.78
CA PRO A 246 -17.47 23.02 10.12
C PRO A 246 -18.86 22.69 10.68
N ASN A 247 -19.27 21.43 10.60
CA ASN A 247 -20.58 21.00 11.05
C ASN A 247 -20.50 20.17 12.32
N GLY A 248 -19.29 20.08 12.84
CA GLY A 248 -19.02 19.22 13.98
C GLY A 248 -18.65 17.86 13.47
N MET A 249 -18.25 16.97 14.37
CA MET A 249 -17.70 15.72 13.95
C MET A 249 -18.13 14.54 14.80
N PHE A 250 -17.82 13.35 14.29
CA PHE A 250 -17.93 12.17 15.09
C PHE A 250 -16.53 11.72 15.37
N SER A 251 -16.26 11.45 16.63
CA SER A 251 -14.97 10.98 17.02
C SER A 251 -15.10 9.50 17.34
N GLU A 252 -14.30 8.68 16.66
CA GLU A 252 -14.25 7.25 16.92
C GLU A 252 -12.86 6.92 17.47
N ILE A 253 -12.74 5.81 18.17
CA ILE A 253 -11.42 5.34 18.53
C ILE A 253 -10.79 4.68 17.30
N LYS A 254 -9.50 4.92 17.10
CA LYS A 254 -8.78 4.42 15.94
C LYS A 254 -8.32 3.02 16.21
N TYR A 255 -9.04 2.05 15.65
CA TYR A 255 -8.71 0.65 15.84
C TYR A 255 -7.44 0.29 15.14
N ASP A 256 -6.54 -0.31 15.89
CA ASP A 256 -5.27 -0.73 15.37
C ASP A 256 -5.45 -2.14 14.85
N GLY A 257 -6.20 -2.26 13.76
CA GLY A 257 -6.56 -3.55 13.22
C GLY A 257 -6.28 -3.60 11.74
N GLU A 258 -7.12 -4.34 11.02
CA GLU A 258 -7.07 -4.34 9.57
C GLU A 258 -8.45 -3.98 9.08
N ARG A 259 -8.46 -2.99 8.19
CA ARG A 259 -9.66 -2.55 7.51
C ARG A 259 -10.26 -3.74 6.76
N VAL A 260 -11.54 -3.97 6.97
CA VAL A 260 -12.23 -4.98 6.23
C VAL A 260 -13.53 -4.41 5.71
N GLN A 261 -13.72 -4.42 4.40
CA GLN A 261 -15.00 -4.08 3.78
C GLN A 261 -15.86 -5.34 3.52
N VAL A 262 -16.97 -5.50 4.20
CA VAL A 262 -17.77 -6.69 4.05
C VAL A 262 -18.83 -6.51 2.99
N HIS A 263 -18.95 -7.41 2.00
CA HIS A 263 -20.13 -7.38 1.13
C HIS A 263 -20.87 -8.66 1.39
N LYS A 264 -22.19 -8.59 1.37
CA LYS A 264 -23.00 -9.77 1.62
C LYS A 264 -24.15 -9.76 0.65
N ASN A 265 -24.44 -10.87 0.02
CA ASN A 265 -25.51 -10.90 -0.95
C ASN A 265 -26.22 -12.18 -0.72
N GLY A 266 -27.50 -12.10 -0.35
CA GLY A 266 -28.15 -13.27 0.23
C GLY A 266 -27.18 -13.85 1.26
N ASP A 267 -26.79 -15.11 1.09
CA ASP A 267 -25.84 -15.66 2.06
C ASP A 267 -24.45 -15.92 1.50
N HIS A 268 -24.13 -15.23 0.39
CA HIS A 268 -22.77 -15.12 -0.06
C HIS A 268 -22.07 -13.97 0.65
N PHE A 269 -20.93 -14.23 1.27
CA PHE A 269 -20.14 -13.21 1.94
C PHE A 269 -18.80 -13.03 1.30
N SER A 270 -18.37 -11.81 1.04
CA SER A 270 -16.97 -11.53 0.67
C SER A 270 -16.33 -10.37 1.42
N TYR A 271 -15.03 -10.43 1.61
CA TYR A 271 -14.38 -9.58 2.56
C TYR A 271 -13.18 -8.93 1.89
N PHE A 272 -13.26 -7.64 1.64
CA PHE A 272 -12.13 -7.05 1.00
C PHE A 272 -11.21 -6.34 2.00
N SER A 273 -9.90 -6.32 1.76
CA SER A 273 -8.95 -5.62 2.62
C SER A 273 -8.75 -4.18 2.15
N ARG A 274 -7.86 -3.48 2.84
CA ARG A 274 -7.49 -2.12 2.47
C ARG A 274 -7.09 -2.03 1.02
N SER A 275 -6.34 -3.02 0.56
CA SER A 275 -5.80 -3.02 -0.81
C SER A 275 -6.78 -3.75 -1.70
N LEU A 276 -7.98 -3.96 -1.23
CA LEU A 276 -8.97 -4.69 -1.96
C LEU A 276 -8.62 -6.15 -2.35
N LYS A 277 -7.64 -6.74 -1.67
CA LYS A 277 -7.36 -8.17 -1.83
C LYS A 277 -8.33 -8.86 -0.92
N PRO A 278 -8.69 -10.12 -1.24
CA PRO A 278 -9.57 -10.83 -0.28
C PRO A 278 -8.88 -10.97 1.08
N VAL A 279 -9.65 -10.91 2.15
CA VAL A 279 -9.11 -11.06 3.49
C VAL A 279 -8.79 -12.54 3.79
N LEU A 280 -7.57 -12.82 4.28
CA LEU A 280 -7.15 -14.19 4.61
C LEU A 280 -8.24 -14.86 5.43
N PRO A 281 -8.82 -15.97 4.94
CA PRO A 281 -10.03 -16.58 5.51
C PRO A 281 -10.01 -16.88 7.01
N HIS A 282 -8.83 -17.14 7.55
CA HIS A 282 -8.71 -17.39 8.98
C HIS A 282 -9.07 -16.23 9.89
N LYS A 283 -9.27 -15.05 9.32
CA LYS A 283 -9.74 -13.93 10.11
C LYS A 283 -11.09 -13.39 9.69
N VAL A 284 -11.91 -14.25 9.10
CA VAL A 284 -13.15 -13.79 8.52
C VAL A 284 -14.12 -14.94 8.29
N ALA A 285 -13.63 -16.16 8.48
CA ALA A 285 -14.43 -17.34 8.13
C ALA A 285 -15.62 -17.51 9.04
N HIS A 286 -15.49 -16.98 10.25
CA HIS A 286 -16.55 -17.17 11.23
C HIS A 286 -17.70 -16.15 11.20
N PHE A 287 -17.46 -14.99 10.60
CA PHE A 287 -18.46 -13.94 10.52
C PHE A 287 -19.72 -14.25 9.69
N LYS A 288 -19.63 -15.20 8.77
CA LYS A 288 -20.85 -15.56 8.05
C LYS A 288 -21.91 -16.02 9.05
N ASP A 289 -21.50 -16.34 10.27
CA ASP A 289 -22.42 -16.90 11.25
C ASP A 289 -23.12 -15.85 12.09
N TYR A 290 -22.41 -14.75 12.32
CA TYR A 290 -22.95 -13.73 13.16
C TYR A 290 -23.66 -12.65 12.37
N ILE A 291 -23.11 -12.21 11.24
CA ILE A 291 -23.70 -11.09 10.52
C ILE A 291 -25.22 -11.17 10.34
N PRO A 292 -25.73 -12.33 9.89
CA PRO A 292 -27.18 -12.39 9.68
C PRO A 292 -27.95 -12.12 10.95
N GLN A 293 -27.36 -12.50 12.08
CA GLN A 293 -27.94 -12.22 13.39
C GLN A 293 -27.68 -10.79 13.78
N ALA A 294 -26.57 -10.22 13.29
CA ALA A 294 -26.29 -8.82 13.55
C ALA A 294 -27.25 -7.92 12.80
N PHE A 295 -27.74 -8.40 11.65
CA PHE A 295 -28.55 -7.60 10.75
C PHE A 295 -29.77 -8.34 10.31
N PRO A 296 -30.73 -8.53 11.21
CA PRO A 296 -31.97 -9.16 10.79
C PRO A 296 -32.50 -8.51 9.53
N GLY A 297 -32.99 -9.33 8.62
CA GLY A 297 -33.61 -8.84 7.38
C GLY A 297 -32.77 -7.89 6.54
N GLY A 298 -31.47 -8.07 6.50
CA GLY A 298 -30.62 -7.38 5.56
C GLY A 298 -30.05 -8.43 4.62
N HIS A 299 -30.75 -8.64 3.50
CA HIS A 299 -30.30 -9.59 2.49
C HIS A 299 -29.02 -9.16 1.80
N SER A 300 -28.86 -7.88 1.51
CA SER A 300 -27.63 -7.46 0.91
C SER A 300 -27.13 -6.29 1.70
N MET A 301 -25.82 -6.04 1.67
CA MET A 301 -25.24 -4.85 2.33
C MET A 301 -23.74 -4.71 2.07
N ILE A 302 -23.17 -3.53 2.30
CA ILE A 302 -21.74 -3.36 2.20
C ILE A 302 -21.32 -2.54 3.39
N LEU A 303 -20.50 -3.10 4.27
CA LEU A 303 -20.15 -2.45 5.53
C LEU A 303 -18.71 -2.16 5.48
N ASP A 304 -18.29 -1.14 6.21
CA ASP A 304 -16.90 -0.72 6.24
C ASP A 304 -16.56 -0.89 7.71
N SER A 305 -15.53 -1.67 8.00
CA SER A 305 -15.19 -2.00 9.38
C SER A 305 -13.68 -2.22 9.60
N GLU A 306 -13.33 -2.48 10.87
CA GLU A 306 -12.00 -2.95 11.27
C GLU A 306 -12.16 -4.29 11.97
N VAL A 307 -11.26 -5.24 11.68
CA VAL A 307 -11.28 -6.54 12.33
C VAL A 307 -10.14 -6.60 13.32
N LEU A 308 -10.41 -7.18 14.48
CA LEU A 308 -9.45 -7.26 15.54
C LEU A 308 -9.63 -8.55 16.26
N LEU A 309 -8.55 -8.96 16.91
CA LEU A 309 -8.56 -10.09 17.82
C LEU A 309 -8.85 -9.57 19.22
N ILE A 310 -9.97 -10.00 19.78
CA ILE A 310 -10.38 -9.50 21.07
C ILE A 310 -10.03 -10.45 22.21
N ASP A 311 -9.45 -9.92 23.28
CA ASP A 311 -9.39 -10.67 24.51
C ASP A 311 -10.81 -10.87 25.04
N ASN A 312 -11.29 -12.10 24.91
CA ASN A 312 -12.64 -12.46 25.28
C ASN A 312 -12.92 -12.42 26.79
N LYS A 313 -11.90 -12.70 27.61
CA LYS A 313 -12.10 -12.74 29.07
C LYS A 313 -12.01 -11.35 29.75
N THR A 314 -11.53 -10.34 29.02
CA THR A 314 -11.33 -8.99 29.58
C THR A 314 -12.00 -7.88 28.78
N GLY A 315 -12.38 -8.16 27.53
CA GLY A 315 -12.99 -7.15 26.66
C GLY A 315 -11.98 -6.29 25.90
N LYS A 316 -10.75 -6.24 26.38
CA LYS A 316 -9.69 -5.42 25.75
C LYS A 316 -9.20 -5.98 24.40
N PRO A 317 -8.93 -5.09 23.43
CA PRO A 317 -8.38 -5.63 22.17
C PRO A 317 -6.88 -5.92 22.32
N LEU A 318 -6.34 -6.74 21.43
CA LEU A 318 -4.93 -7.15 21.51
C LEU A 318 -4.09 -6.46 20.45
N PRO A 319 -2.79 -6.26 20.73
CA PRO A 319 -1.98 -5.40 19.87
C PRO A 319 -1.82 -5.89 18.41
N PHE A 320 -1.28 -5.05 17.55
CA PHE A 320 -1.35 -5.24 16.12
C PHE A 320 -0.87 -6.60 15.57
N GLY A 321 0.32 -7.03 15.90
CA GLY A 321 0.78 -8.28 15.26
C GLY A 321 -0.19 -9.46 15.44
N THR A 322 -0.94 -9.41 16.54
CA THR A 322 -1.75 -10.49 17.05
C THR A 322 -2.73 -11.15 16.06
N LEU A 323 -2.89 -10.57 14.87
CA LEU A 323 -3.85 -11.13 13.92
C LEU A 323 -3.26 -12.24 13.05
N GLY A 324 -1.95 -12.50 13.17
CA GLY A 324 -1.30 -13.65 12.52
C GLY A 324 -1.90 -14.99 12.91
N VAL A 325 -1.94 -15.96 12.00
CA VAL A 325 -2.50 -17.30 12.34
C VAL A 325 -1.90 -17.90 13.60
N HIS A 326 -0.58 -17.92 13.66
CA HIS A 326 0.11 -18.55 14.79
C HIS A 326 0.05 -17.70 16.05
N LYS A 327 -0.09 -16.39 15.87
CA LYS A 327 -0.28 -15.52 17.00
C LYS A 327 -1.71 -15.70 17.48
N LYS A 328 -2.69 -15.54 16.59
CA LYS A 328 -4.09 -15.86 16.92
C LYS A 328 -4.10 -17.12 17.82
N ALA A 329 -3.28 -18.11 17.44
CA ALA A 329 -3.37 -19.45 18.00
C ALA A 329 -2.90 -19.51 19.45
N ALA A 330 -1.90 -18.69 19.81
CA ALA A 330 -1.33 -18.64 21.18
C ALA A 330 -2.32 -18.32 22.31
N PHE A 331 -3.28 -17.45 22.03
CA PHE A 331 -4.30 -17.03 22.98
C PHE A 331 -5.44 -18.06 23.16
N GLN A 332 -5.76 -18.31 24.43
CA GLN A 332 -6.78 -19.29 24.80
C GLN A 332 -8.08 -18.59 25.17
N ASP A 333 -8.18 -17.32 24.82
CA ASP A 333 -9.26 -16.48 25.32
C ASP A 333 -10.14 -15.93 24.21
N ALA A 334 -9.59 -15.80 23.00
CA ALA A 334 -10.09 -14.87 22.00
C ALA A 334 -10.52 -15.51 20.68
N ASN A 335 -11.60 -15.04 20.04
CA ASN A 335 -11.68 -15.15 18.56
C ASN A 335 -11.83 -13.70 18.09
N VAL A 336 -11.76 -13.57 16.76
CA VAL A 336 -11.65 -12.33 16.03
C VAL A 336 -12.96 -11.54 16.07
N CYS A 337 -12.87 -10.21 16.10
CA CYS A 337 -14.06 -9.39 16.19
C CYS A 337 -14.06 -8.20 15.26
N LEU A 338 -15.26 -7.83 14.86
CA LEU A 338 -15.50 -6.87 13.82
C LEU A 338 -16.19 -5.64 14.39
N PHE A 339 -15.59 -4.47 14.16
CA PHE A 339 -16.14 -3.20 14.62
C PHE A 339 -16.64 -2.39 13.46
N VAL A 340 -17.96 -2.39 13.27
CA VAL A 340 -18.53 -1.79 12.09
C VAL A 340 -18.70 -0.31 12.33
N PHE A 341 -17.97 0.51 11.58
CA PHE A 341 -18.08 1.94 11.69
C PHE A 341 -18.73 2.63 10.47
N ASP A 342 -19.30 1.86 9.56
CA ASP A 342 -19.97 2.50 8.39
C ASP A 342 -20.84 1.58 7.56
N CYS A 343 -21.71 2.17 6.75
CA CYS A 343 -22.59 1.35 5.94
C CYS A 343 -22.86 2.02 4.65
N ILE A 344 -22.26 1.51 3.60
CA ILE A 344 -22.23 2.10 2.27
C ILE A 344 -23.48 1.72 1.46
N TYR A 345 -24.10 0.58 1.75
CA TYR A 345 -25.07 -0.03 0.85
C TYR A 345 -25.88 -1.05 1.65
N PHE A 346 -27.17 -1.13 1.40
CA PHE A 346 -27.98 -2.03 2.18
C PHE A 346 -29.26 -2.29 1.43
N ASN A 347 -29.72 -3.54 1.50
CA ASN A 347 -30.83 -4.01 0.70
C ASN A 347 -31.01 -3.32 -0.68
N ASP A 348 -29.99 -3.48 -1.53
CA ASP A 348 -29.96 -3.02 -2.92
C ASP A 348 -29.93 -1.50 -3.14
N VAL A 349 -29.55 -0.74 -2.13
CA VAL A 349 -29.59 0.72 -2.25
C VAL A 349 -28.31 1.31 -1.72
N SER A 350 -27.71 2.21 -2.47
CA SER A 350 -26.43 2.74 -2.07
C SER A 350 -26.69 3.88 -1.09
N LEU A 351 -25.80 4.06 -0.12
CA LEU A 351 -26.00 5.13 0.83
C LEU A 351 -24.79 5.97 0.81
N MET A 352 -24.01 5.89 -0.24
CA MET A 352 -22.77 6.61 -0.21
C MET A 352 -23.03 8.07 -0.22
N ASP A 353 -24.23 8.48 -0.67
CA ASP A 353 -24.53 9.91 -0.88
C ASP A 353 -25.11 10.54 0.36
N ARG A 354 -25.60 9.70 1.26
CA ARG A 354 -26.22 10.21 2.43
C ARG A 354 -25.10 10.71 3.36
N PRO A 355 -25.41 11.72 4.19
CA PRO A 355 -24.36 12.23 5.05
C PRO A 355 -24.11 11.26 6.20
N LEU A 356 -22.88 11.21 6.65
CA LEU A 356 -22.50 10.29 7.71
C LEU A 356 -23.59 10.19 8.78
N CYS A 357 -24.08 11.36 9.24
CA CYS A 357 -25.01 11.39 10.37
C CYS A 357 -26.27 10.58 10.10
N GLU A 358 -26.64 10.53 8.83
CA GLU A 358 -27.75 9.75 8.40
C GLU A 358 -27.38 8.28 8.28
N ARG A 359 -26.16 7.99 7.81
CA ARG A 359 -25.68 6.60 7.72
C ARG A 359 -25.56 5.91 9.08
N ARG A 360 -24.99 6.61 10.06
CA ARG A 360 -24.76 6.03 11.38
C ARG A 360 -26.12 5.76 12.01
N LYS A 361 -27.08 6.61 11.68
CA LYS A 361 -28.41 6.45 12.22
C LYS A 361 -28.98 5.14 11.71
N PHE A 362 -28.82 4.88 10.40
CA PHE A 362 -29.29 3.66 9.75
C PHE A 362 -28.64 2.42 10.36
N LEU A 363 -27.33 2.49 10.61
CA LEU A 363 -26.63 1.44 11.33
C LEU A 363 -27.34 1.02 12.61
N HIS A 364 -27.55 1.99 13.52
CA HIS A 364 -28.12 1.67 14.81
C HIS A 364 -29.54 1.21 14.59
N ASP A 365 -30.21 1.85 13.64
CA ASP A 365 -31.58 1.51 13.38
C ASP A 365 -31.74 0.13 12.80
N ASN A 366 -30.66 -0.46 12.24
CA ASN A 366 -30.74 -1.78 11.63
C ASN A 366 -29.80 -2.89 12.14
N MET A 367 -28.73 -2.54 12.84
CA MET A 367 -27.90 -3.60 13.42
C MET A 367 -28.08 -3.78 14.92
N VAL A 368 -27.98 -5.03 15.33
CA VAL A 368 -28.01 -5.46 16.72
C VAL A 368 -26.58 -5.93 17.04
N GLU A 369 -26.02 -5.45 18.13
CA GLU A 369 -24.64 -5.74 18.41
C GLU A 369 -24.61 -7.16 18.92
N ILE A 370 -23.71 -7.98 18.41
CA ILE A 370 -23.58 -9.28 19.04
C ILE A 370 -22.20 -9.43 19.71
N PRO A 371 -22.23 -9.47 21.05
CA PRO A 371 -21.14 -9.55 22.01
C PRO A 371 -19.84 -10.17 21.50
N ASN A 372 -18.83 -9.31 21.36
CA ASN A 372 -17.45 -9.70 21.02
C ASN A 372 -17.23 -10.20 19.63
N ARG A 373 -18.17 -9.90 18.75
CA ARG A 373 -18.07 -10.34 17.40
C ARG A 373 -18.34 -9.19 16.46
N ILE A 374 -19.58 -8.71 16.51
CA ILE A 374 -19.97 -7.63 15.65
C ILE A 374 -20.39 -6.53 16.57
N MET A 375 -19.78 -5.37 16.40
CA MET A 375 -19.74 -4.33 17.41
C MET A 375 -19.90 -2.99 16.74
N PHE A 376 -20.74 -2.07 17.24
CA PHE A 376 -20.67 -0.66 16.74
C PHE A 376 -19.31 -0.09 17.12
N SER A 377 -18.76 0.81 16.33
CA SER A 377 -17.59 1.47 16.80
C SER A 377 -18.10 2.65 17.65
N GLU A 378 -17.46 2.90 18.79
CA GLU A 378 -17.94 3.98 19.63
C GLU A 378 -17.53 5.33 19.06
N MET A 379 -18.53 6.14 18.75
CA MET A 379 -18.33 7.48 18.18
C MET A 379 -19.12 8.60 18.86
N LYS A 380 -18.46 9.32 19.77
CA LYS A 380 -19.00 10.52 20.41
C LYS A 380 -19.06 11.74 19.50
N ARG A 381 -20.20 12.46 19.52
CA ARG A 381 -20.31 13.77 18.86
C ARG A 381 -19.36 14.77 19.46
N VAL A 382 -18.62 15.46 18.63
CA VAL A 382 -17.78 16.52 19.11
C VAL A 382 -18.04 17.71 18.23
N THR A 383 -17.92 18.90 18.80
CA THR A 383 -18.61 20.01 18.23
C THR A 383 -17.93 21.33 18.60
N LYS A 384 -17.13 21.30 19.66
CA LYS A 384 -16.39 22.47 20.13
C LYS A 384 -14.96 22.08 20.54
N ALA A 385 -13.96 22.89 20.13
CA ALA A 385 -12.51 22.58 20.28
C ALA A 385 -12.04 21.97 21.62
N LEU A 386 -12.45 22.57 22.72
CA LEU A 386 -11.99 22.13 24.04
C LEU A 386 -12.40 20.68 24.29
N ASP A 387 -13.63 20.37 23.93
CA ASP A 387 -14.19 19.05 24.17
C ASP A 387 -13.41 17.95 23.40
N LEU A 388 -12.91 18.31 22.22
CA LEU A 388 -12.06 17.44 21.41
C LEU A 388 -10.67 17.26 22.02
N ALA A 389 -10.02 18.37 22.37
CA ALA A 389 -8.65 18.34 22.89
C ALA A 389 -8.54 17.56 24.18
N ASP A 390 -9.68 17.43 24.87
CA ASP A 390 -9.74 16.62 26.07
C ASP A 390 -9.66 15.18 25.66
N MET A 391 -10.41 14.86 24.63
CA MET A 391 -10.52 13.49 24.18
C MET A 391 -9.18 12.94 23.68
N ILE A 392 -8.45 13.76 22.94
CA ILE A 392 -7.08 13.41 22.55
C ILE A 392 -6.29 13.04 23.78
N THR A 393 -6.28 13.91 24.79
CA THR A 393 -5.57 13.60 26.02
C THR A 393 -6.16 12.31 26.65
N ARG A 394 -7.47 12.29 26.90
CA ARG A 394 -8.12 11.13 27.50
C ARG A 394 -7.68 9.80 26.86
N VAL A 395 -7.37 9.84 25.57
CA VAL A 395 -7.12 8.64 24.77
C VAL A 395 -5.64 8.30 24.59
N ILE A 396 -4.77 9.30 24.49
CA ILE A 396 -3.35 8.99 24.56
C ILE A 396 -3.09 8.30 25.91
N GLN A 397 -3.91 8.63 26.92
CA GLN A 397 -3.67 8.19 28.30
C GLN A 397 -3.39 6.71 28.42
N GLU A 398 -4.35 5.87 28.01
CA GLU A 398 -4.12 4.43 28.04
C GLU A 398 -3.73 3.90 26.66
N GLY A 399 -2.73 4.57 26.09
CA GLY A 399 -2.09 4.19 24.83
C GLY A 399 -2.96 3.71 23.66
N LEU A 400 -4.26 3.96 23.68
CA LEU A 400 -5.11 3.70 22.51
C LEU A 400 -4.55 4.47 21.33
N GLU A 401 -4.47 3.84 20.15
CA GLU A 401 -3.67 4.39 19.01
C GLU A 401 -3.89 5.86 18.67
N GLY A 402 -5.15 6.27 18.55
CA GLY A 402 -5.49 7.63 18.21
C GLY A 402 -6.97 7.76 17.98
N LEU A 403 -7.36 8.79 17.25
CA LEU A 403 -8.76 9.02 16.97
C LEU A 403 -8.99 9.13 15.51
N VAL A 404 -10.21 8.85 15.07
CA VAL A 404 -10.56 9.11 13.70
C VAL A 404 -11.80 9.96 13.70
N LEU A 405 -11.68 11.16 13.13
CA LEU A 405 -12.71 12.16 13.24
C LEU A 405 -13.30 12.38 11.89
N LYS A 406 -14.62 12.40 11.84
CA LYS A 406 -15.36 12.49 10.59
C LYS A 406 -16.38 13.60 10.71
N ASP A 407 -16.38 14.51 9.74
CA ASP A 407 -17.40 15.54 9.67
C ASP A 407 -18.77 14.88 9.66
N VAL A 408 -19.80 15.61 9.99
CA VAL A 408 -21.03 14.97 10.39
C VAL A 408 -21.93 14.85 9.20
N LYS A 409 -21.85 15.85 8.33
CA LYS A 409 -22.64 15.95 7.12
C LYS A 409 -21.96 15.26 5.92
N GLY A 410 -20.77 14.73 6.17
CA GLY A 410 -19.91 14.14 5.15
C GLY A 410 -20.60 12.97 4.50
N THR A 411 -20.43 12.84 3.19
CA THR A 411 -20.96 11.69 2.46
C THR A 411 -19.84 10.69 2.38
N TYR A 412 -20.12 9.52 1.80
CA TYR A 412 -19.11 8.47 1.62
C TYR A 412 -18.39 8.57 0.27
N GLU A 413 -17.12 8.95 0.34
CA GLU A 413 -16.40 9.31 -0.85
C GLU A 413 -15.22 8.39 -1.06
N PRO A 414 -15.39 7.41 -1.98
CA PRO A 414 -14.43 6.34 -2.12
C PRO A 414 -13.11 6.91 -2.55
N GLY A 415 -12.08 6.52 -1.83
CA GLY A 415 -10.75 6.77 -2.26
C GLY A 415 -10.32 8.10 -1.77
N LYS A 416 -11.27 8.96 -1.42
CA LYS A 416 -10.92 10.31 -0.97
C LYS A 416 -10.46 10.44 0.50
N ARG A 417 -9.39 11.20 0.71
CA ARG A 417 -8.79 11.33 2.04
C ARG A 417 -9.47 12.43 2.90
N HIS A 418 -10.73 12.23 3.22
CA HIS A 418 -11.52 13.30 3.77
C HIS A 418 -11.79 13.11 5.23
N TRP A 419 -11.60 11.92 5.76
CA TRP A 419 -11.66 11.76 7.21
C TRP A 419 -10.39 12.30 7.83
N LEU A 420 -10.40 12.45 9.13
CA LEU A 420 -9.22 12.85 9.86
C LEU A 420 -8.77 11.77 10.83
N LYS A 421 -7.47 11.58 10.91
CA LYS A 421 -6.91 10.73 11.92
C LYS A 421 -5.88 11.50 12.75
N VAL A 422 -5.96 11.33 14.07
CA VAL A 422 -5.08 12.03 15.00
C VAL A 422 -4.34 10.98 15.81
N LYS A 423 -3.02 11.18 15.99
CA LYS A 423 -2.25 10.40 16.98
C LYS A 423 -1.04 11.10 17.63
N LYS A 424 -0.69 10.67 18.84
CA LYS A 424 0.26 11.39 19.69
C LYS A 424 1.48 11.99 18.97
N ASP A 425 2.04 11.23 18.04
CA ASP A 425 3.23 11.64 17.33
C ASP A 425 2.97 12.80 16.38
N TYR A 426 1.70 13.07 16.09
CA TYR A 426 1.39 14.18 15.20
C TYR A 426 1.47 15.55 15.86
N LEU A 427 0.71 15.81 16.91
CA LEU A 427 0.67 17.15 17.48
C LEU A 427 2.02 17.54 18.12
N ASN A 428 2.54 18.70 17.72
CA ASN A 428 3.84 19.25 18.13
C ASN A 428 5.02 18.54 17.49
N MET A 432 5.69 15.00 22.41
CA MET A 432 4.64 13.99 22.63
C MET A 432 4.85 12.69 21.83
N ALA A 433 5.91 12.64 21.04
CA ALA A 433 6.17 11.49 20.17
C ALA A 433 7.22 10.58 20.79
N ASP A 434 7.09 9.26 20.59
CA ASP A 434 8.13 8.32 20.98
C ASP A 434 9.32 8.65 20.12
N THR A 435 10.52 8.57 20.69
CA THR A 435 11.68 9.19 20.07
C THR A 435 13.02 8.60 20.55
N ALA A 436 13.97 8.47 19.64
CA ALA A 436 15.31 8.04 19.98
C ALA A 436 16.38 8.75 19.16
N ASP A 437 17.39 9.24 19.87
CA ASP A 437 18.54 9.85 19.26
C ASP A 437 19.52 8.71 19.01
N LEU A 438 19.54 8.22 17.77
CA LEU A 438 20.23 6.99 17.41
C LEU A 438 21.47 7.23 16.61
N VAL A 439 22.35 6.25 16.64
CA VAL A 439 23.60 6.31 15.91
C VAL A 439 23.42 5.65 14.55
N VAL A 440 23.87 6.36 13.53
CA VAL A 440 23.91 5.84 12.17
C VAL A 440 25.13 4.96 12.02
N LEU A 441 24.97 3.76 11.48
CA LEU A 441 26.11 2.86 11.25
C LEU A 441 26.32 2.56 9.77
N GLY A 442 25.30 2.00 9.15
CA GLY A 442 25.42 1.43 7.83
C GLY A 442 24.54 2.07 6.79
N ALA A 443 24.56 1.48 5.59
CA ALA A 443 23.94 2.08 4.43
C ALA A 443 23.52 1.00 3.47
N PHE A 444 22.53 1.35 2.65
CA PHE A 444 22.02 0.53 1.56
C PHE A 444 21.78 1.42 0.36
N TYR A 445 21.77 0.83 -0.83
CA TYR A 445 21.45 1.58 -2.03
C TYR A 445 19.93 1.76 -2.18
N GLY A 446 19.55 2.91 -2.71
CA GLY A 446 18.15 3.14 -3.02
C GLY A 446 17.90 2.65 -4.42
N GLN A 447 16.62 2.46 -4.77
CA GLN A 447 16.22 2.01 -6.11
C GLN A 447 15.54 3.15 -6.90
N GLY A 448 15.83 3.25 -8.18
CA GLY A 448 15.18 4.23 -9.05
C GLY A 448 15.62 5.69 -8.97
N SER A 449 14.63 6.59 -8.91
CA SER A 449 14.83 8.04 -8.72
C SER A 449 15.96 8.29 -7.73
N LYS A 450 15.85 7.64 -6.58
CA LYS A 450 16.93 7.47 -5.62
C LYS A 450 17.68 6.20 -6.06
N GLY A 451 19.00 6.26 -6.21
CA GLY A 451 19.69 5.13 -6.83
C GLY A 451 21.17 5.37 -6.99
N GLY A 452 21.96 4.32 -6.78
CA GLY A 452 23.40 4.44 -6.74
C GLY A 452 23.77 5.35 -5.60
N MET A 453 22.82 5.55 -4.70
CA MET A 453 22.98 6.46 -3.56
C MET A 453 22.71 5.75 -2.24
N MET A 454 23.09 6.38 -1.14
CA MET A 454 22.77 5.83 0.18
C MET A 454 21.45 6.39 0.67
N SER A 455 20.36 5.89 0.09
CA SER A 455 19.01 6.31 0.43
C SER A 455 18.58 5.78 1.80
N ILE A 456 18.86 4.51 2.08
CA ILE A 456 18.45 3.92 3.35
C ILE A 456 19.63 3.93 4.33
N PHE A 457 19.33 3.91 5.62
CA PHE A 457 20.34 3.95 6.66
C PHE A 457 20.07 2.97 7.79
N LEU A 458 21.15 2.55 8.45
CA LEU A 458 21.06 1.58 9.51
C LEU A 458 21.26 2.27 10.85
N MET A 459 20.19 2.34 11.63
CA MET A 459 20.22 3.08 12.87
C MET A 459 20.30 2.11 14.03
N GLY A 460 21.25 2.39 14.91
CA GLY A 460 21.47 1.55 16.08
C GLY A 460 22.06 2.32 17.25
N CYS A 461 22.34 1.59 18.31
CA CYS A 461 22.82 2.15 19.58
C CYS A 461 24.10 1.45 20.03
N TYR A 462 24.87 2.13 20.86
CA TYR A 462 26.03 1.51 21.49
C TYR A 462 25.56 0.71 22.70
N ASP A 463 26.21 -0.43 22.98
CA ASP A 463 25.87 -1.19 24.18
C ASP A 463 27.08 -1.47 25.08
N PRO A 464 27.02 -1.03 26.35
CA PRO A 464 28.13 -1.27 27.29
C PRO A 464 28.16 -2.72 27.81
N GLY A 465 27.19 -3.52 27.41
CA GLY A 465 27.13 -4.93 27.79
C GLY A 465 28.26 -5.71 27.15
N SER A 466 28.02 -6.23 25.95
CA SER A 466 29.07 -6.93 25.19
C SER A 466 30.11 -5.93 24.72
N GLN A 467 29.86 -4.65 25.02
CA GLN A 467 30.60 -3.50 24.49
C GLN A 467 30.81 -3.53 22.97
N LYS A 468 29.80 -4.06 22.26
CA LYS A 468 29.71 -3.96 20.81
C LYS A 468 28.53 -3.06 20.40
N TRP A 469 28.51 -2.67 19.13
CA TRP A 469 27.44 -1.85 18.56
C TRP A 469 26.19 -2.69 18.33
N CYS A 470 25.01 -2.05 18.29
CA CYS A 470 23.73 -2.76 18.36
C CYS A 470 22.65 -2.15 17.42
N THR A 471 21.83 -3.00 16.78
CA THR A 471 20.89 -2.57 15.71
C THR A 471 19.43 -2.44 16.19
N VAL A 472 18.76 -1.35 15.79
CA VAL A 472 17.36 -1.10 16.21
C VAL A 472 16.34 -0.98 15.07
N THR A 473 16.65 -0.18 14.06
CA THR A 473 15.80 -0.02 12.89
C THR A 473 16.54 0.61 11.71
N LYS A 474 16.08 0.30 10.50
CA LYS A 474 16.54 0.98 9.30
C LYS A 474 15.75 2.28 9.15
N CYS A 475 16.22 3.18 8.30
CA CYS A 475 15.53 4.45 8.12
C CYS A 475 15.85 5.09 6.78
N ALA A 476 14.80 5.58 6.14
CA ALA A 476 14.89 6.20 4.83
C ALA A 476 14.23 7.57 4.84
N GLY A 477 12.97 7.61 5.27
CA GLY A 477 12.22 8.85 5.35
C GLY A 477 12.88 9.92 6.20
N GLY A 478 12.37 11.14 6.11
CA GLY A 478 12.87 12.25 6.91
C GLY A 478 13.58 13.30 6.10
N HIS A 479 14.51 12.87 5.25
CA HIS A 479 15.44 13.79 4.55
C HIS A 479 14.95 14.22 3.17
N ASP A 480 15.11 15.51 2.87
CA ASP A 480 14.72 16.03 1.56
C ASP A 480 15.80 15.66 0.55
N ASP A 481 15.56 15.96 -0.72
CA ASP A 481 16.48 15.61 -1.80
C ASP A 481 17.81 16.35 -1.68
N ALA A 482 17.74 17.66 -1.46
CA ALA A 482 18.93 18.52 -1.34
C ALA A 482 19.85 18.10 -0.20
N THR A 483 19.25 17.65 0.91
CA THR A 483 20.02 17.17 2.06
C THR A 483 20.58 15.75 1.88
N LEU A 484 19.92 14.95 1.06
CA LEU A 484 20.32 13.57 0.82
C LEU A 484 21.60 13.54 0.00
N ALA A 485 21.69 14.46 -0.96
CA ALA A 485 22.85 14.54 -1.85
C ALA A 485 24.09 15.13 -1.17
N ARG A 486 23.87 15.96 -0.16
CA ARG A 486 24.96 16.50 0.64
C ARG A 486 25.45 15.40 1.59
N LEU A 487 24.51 14.54 2.02
CA LEU A 487 24.82 13.41 2.88
C LEU A 487 25.72 12.37 2.23
N GLN A 488 25.78 12.40 0.90
CA GLN A 488 26.60 11.47 0.14
C GLN A 488 28.06 11.57 0.52
N ASN A 489 28.44 12.75 1.01
CA ASN A 489 29.82 13.05 1.34
C ASN A 489 30.13 12.88 2.83
N GLU A 490 29.32 13.50 3.67
CA GLU A 490 29.59 13.60 5.11
C GLU A 490 29.57 12.27 5.85
N LEU A 491 29.52 11.16 5.13
CA LEU A 491 29.32 9.88 5.78
C LEU A 491 30.34 8.80 5.45
N ASP A 492 30.88 8.19 6.51
CA ASP A 492 31.94 7.19 6.41
C ASP A 492 31.55 5.91 5.66
N MET A 493 32.57 5.19 5.17
CA MET A 493 32.41 4.23 4.08
C MET A 493 32.49 2.73 4.39
N VAL A 494 31.45 2.26 5.05
CA VAL A 494 31.21 0.85 5.32
C VAL A 494 30.72 0.15 4.01
N LYS A 495 31.68 -0.35 3.21
CA LYS A 495 31.42 -0.99 1.91
C LYS A 495 31.18 -2.51 1.94
N ILE A 496 31.84 -3.19 2.88
CA ILE A 496 31.72 -4.66 3.07
C ILE A 496 30.23 -5.07 3.11
N SER A 497 29.76 -5.81 2.09
CA SER A 497 28.35 -6.31 2.02
C SER A 497 28.15 -7.86 2.14
N LYS A 498 29.26 -8.58 2.36
CA LYS A 498 29.27 -10.05 2.50
C LYS A 498 29.38 -10.53 3.94
N ALA A 525 31.62 8.65 15.22
CA ALA A 525 30.45 8.26 14.41
C ALA A 525 29.39 9.37 14.24
N ALA A 526 28.23 9.03 13.67
CA ALA A 526 27.15 10.02 13.40
C ALA A 526 25.76 9.65 13.96
N VAL A 527 24.97 10.66 14.34
CA VAL A 527 23.83 10.50 15.27
C VAL A 527 22.55 11.27 14.87
N TRP A 528 21.43 10.57 14.71
CA TRP A 528 20.18 11.22 14.30
C TRP A 528 19.00 10.98 15.23
N GLU A 529 18.12 11.98 15.34
CA GLU A 529 16.86 11.78 16.04
C GLU A 529 15.83 11.08 15.15
N ILE A 530 15.44 9.87 15.55
CA ILE A 530 14.42 9.17 14.78
C ILE A 530 13.11 9.06 15.57
N THR A 531 11.99 8.86 14.86
CA THR A 531 10.67 9.13 15.42
C THR A 531 9.62 8.19 14.83
N GLY A 532 8.85 7.54 15.68
CA GLY A 532 7.85 6.60 15.20
C GLY A 532 6.55 6.56 15.97
N ALA A 533 5.59 5.81 15.45
CA ALA A 533 4.31 5.61 16.13
C ALA A 533 4.54 5.05 17.51
N GLU A 534 5.35 4.00 17.59
CA GLU A 534 5.61 3.32 18.84
C GLU A 534 6.99 2.79 18.80
N PHE A 535 7.24 1.87 19.72
CA PHE A 535 8.45 1.06 19.74
C PHE A 535 7.98 -0.38 19.73
N SER A 536 8.51 -1.19 18.81
CA SER A 536 8.10 -2.60 18.71
C SER A 536 9.17 -3.53 19.24
N LYS A 537 8.76 -4.76 19.54
CA LYS A 537 9.66 -5.84 19.95
C LYS A 537 9.48 -7.01 18.97
N SER A 538 10.59 -7.66 18.62
CA SER A 538 10.60 -8.94 17.90
C SER A 538 12.02 -9.48 17.80
N GLU A 539 12.13 -10.76 17.44
CA GLU A 539 13.43 -11.42 17.39
C GLU A 539 14.25 -11.11 16.11
N ALA A 540 14.47 -9.83 15.81
CA ALA A 540 15.16 -9.46 14.55
C ALA A 540 16.17 -8.30 14.59
N HIS A 541 15.95 -7.30 15.42
CA HIS A 541 16.99 -6.28 15.61
C HIS A 541 17.76 -6.54 16.90
N THR A 542 19.06 -6.73 16.74
CA THR A 542 19.96 -7.18 17.82
C THR A 542 19.64 -6.62 19.23
N ALA A 543 19.17 -5.37 19.30
CA ALA A 543 18.88 -4.71 20.57
C ALA A 543 17.70 -5.36 21.31
N ASP A 544 18.03 -6.29 22.21
CA ASP A 544 17.07 -7.12 22.97
C ASP A 544 15.88 -7.68 22.16
N GLY A 545 15.45 -6.91 21.16
CA GLY A 545 14.34 -7.30 20.29
C GLY A 545 13.44 -6.12 19.97
N ILE A 546 13.99 -4.91 20.06
CA ILE A 546 13.18 -3.71 19.94
C ILE A 546 13.47 -2.94 18.67
N SER A 547 12.47 -2.19 18.25
CA SER A 547 12.43 -1.56 16.94
C SER A 547 11.41 -0.41 16.93
N ILE A 548 11.26 0.27 15.80
CA ILE A 548 10.35 1.41 15.68
C ILE A 548 9.28 1.23 14.60
N ARG A 549 8.01 1.32 14.98
CA ARG A 549 6.89 1.33 14.05
C ARG A 549 6.93 2.64 13.28
N PHE A 550 6.79 2.54 11.97
CA PHE A 550 6.95 3.70 11.05
C PHE A 550 8.11 4.66 11.42
N PRO A 551 9.33 4.13 11.42
CA PRO A 551 10.46 4.95 11.68
C PRO A 551 10.57 6.08 10.67
N ARG A 552 10.65 7.31 11.17
CA ARG A 552 11.01 8.47 10.36
C ARG A 552 12.12 9.22 11.10
N CYS A 553 12.87 10.05 10.39
CA CYS A 553 13.85 10.93 11.01
C CYS A 553 13.36 12.36 10.97
N THR A 554 13.41 13.02 12.13
CA THR A 554 12.96 14.41 12.27
C THR A 554 14.14 15.38 12.45
N ARG A 555 14.76 15.43 13.63
CA ARG A 555 15.91 16.32 13.80
C ARG A 555 17.26 15.69 13.41
N ILE A 556 18.12 16.49 12.78
CA ILE A 556 19.50 16.10 12.52
C ILE A 556 20.39 16.73 13.60
N ARG A 557 20.61 15.98 14.69
CA ARG A 557 21.24 16.52 15.90
C ARG A 557 22.77 16.67 15.82
N ASP A 558 23.25 17.92 15.74
CA ASP A 558 24.67 18.23 15.52
C ASP A 558 25.40 18.43 16.85
N ASP A 559 24.91 17.77 17.90
CA ASP A 559 25.37 18.06 19.26
C ASP A 559 26.02 16.85 19.91
N LYS A 560 25.34 15.71 19.81
CA LYS A 560 25.60 14.57 20.67
C LYS A 560 26.34 13.43 19.97
N ASP A 561 27.47 13.75 19.31
CA ASP A 561 28.24 12.75 18.55
C ASP A 561 28.59 11.49 19.37
N TRP A 562 27.65 10.54 19.39
CA TRP A 562 27.76 9.27 20.11
C TRP A 562 27.75 9.57 21.62
N LYS A 563 27.98 8.56 22.46
CA LYS A 563 28.09 8.73 23.93
C LYS A 563 26.83 9.31 24.58
N SER A 564 26.25 10.32 23.97
CA SER A 564 25.10 11.01 24.50
C SER A 564 23.81 10.49 23.87
N ALA A 565 23.95 9.87 22.69
CA ALA A 565 22.89 9.08 22.05
C ALA A 565 22.46 7.91 22.93
N THR A 566 21.47 7.16 22.49
CA THR A 566 20.91 6.11 23.32
C THR A 566 21.76 4.84 23.29
N ASN A 567 21.76 4.14 24.42
CA ASN A 567 22.40 2.83 24.56
C ASN A 567 21.38 1.81 25.02
N LEU A 568 21.73 0.53 24.91
CA LEU A 568 20.77 -0.57 25.11
C LEU A 568 19.87 -0.40 26.35
N PRO A 569 20.47 -0.33 27.57
CA PRO A 569 19.59 -0.27 28.74
C PRO A 569 18.72 0.99 28.80
N GLN A 570 19.25 2.12 28.34
CA GLN A 570 18.46 3.34 28.19
C GLN A 570 17.17 3.09 27.36
N LEU A 571 17.35 2.48 26.19
CA LEU A 571 16.22 2.19 25.31
C LEU A 571 15.31 1.15 25.92
N LYS A 572 15.91 0.13 26.52
CA LYS A 572 15.19 -0.93 27.24
C LYS A 572 14.18 -0.29 28.21
N GLU A 573 14.60 0.83 28.82
CA GLU A 573 13.74 1.60 29.71
C GLU A 573 12.65 2.36 28.94
N LEU A 574 13.06 3.11 27.91
CA LEU A 574 12.16 3.88 27.06
C LEU A 574 10.92 3.08 26.68
N TYR A 575 11.15 1.93 26.04
CA TYR A 575 10.12 0.96 25.67
C TYR A 575 9.08 0.75 26.78
N GLN A 576 9.57 0.39 27.97
CA GLN A 576 8.73 -0.11 29.07
C GLN A 576 7.74 0.90 29.64
N LEU A 577 8.14 2.18 29.62
CA LEU A 577 7.29 3.30 30.03
C LEU A 577 5.97 3.38 29.24
N SER A 578 5.96 2.75 28.07
CA SER A 578 4.77 2.66 27.23
C SER A 578 4.02 1.35 27.48
N LYS A 579 3.47 1.21 28.69
CA LYS A 579 2.82 -0.04 29.12
C LYS A 579 2.16 0.14 30.53
P AMP E . -3.51 4.61 11.11
O1P AMP E . -2.55 5.64 10.51
O3P AMP E . -3.10 3.15 11.18
O5' AMP E . -4.95 4.72 10.40
C5' AMP E . -5.99 3.80 10.70
C4' AMP E . -6.60 3.54 9.34
O4' AMP E . -7.74 2.67 9.34
C3' AMP E . -7.01 4.85 8.75
O3' AMP E . -6.33 4.92 7.45
C2' AMP E . -8.53 4.78 8.74
O2' AMP E . -9.04 4.96 7.41
C1' AMP E . -8.93 3.37 9.14
N9 AMP E . -9.64 3.34 10.44
C8 AMP E . -9.18 2.88 11.63
N7 AMP E . -10.14 3.00 12.59
C5 AMP E . -11.21 3.56 12.01
C6 AMP E . -12.55 3.97 12.44
N6 AMP E . -12.91 3.81 13.74
N1 AMP E . -13.39 4.50 11.51
C2 AMP E . -13.00 4.66 10.22
N3 AMP E . -11.79 4.32 9.76
C4 AMP E . -10.89 3.77 10.60
#